data_4RQR
#
_entry.id   4RQR
#
_cell.length_a   27.847
_cell.length_b   55.414
_cell.length_c   130.357
_cell.angle_alpha   90.00
_cell.angle_beta   90.00
_cell.angle_gamma   90.00
#
_symmetry.space_group_name_H-M   'C 2 2 21'
#
loop_
_entity.id
_entity.type
_entity.pdbx_description
1 polymer Glutaredoxin-1
2 non-polymer '1-THIOETHANESULFONIC ACID'
3 water water
#
_entity_poly.entity_id   1
_entity_poly.type   'polypeptide(L)'
_entity_poly.pdbx_seq_one_letter_code
;GAGTAQEFVNCKIQPGKVVVFIKPTCPYCRRAQEILSQLPIKQGLLEFVDITATNHTNEIQDYLQQLTGARTVPRVFIGK
DCIGGCSDLVSLQQSGELLTRLKQIGALQ
;
_entity_poly.pdbx_strand_id   A
#
# COMPACT_ATOMS: atom_id res chain seq x y z
N GLY A 3 -5.17 4.71 18.29
CA GLY A 3 -5.18 6.19 18.38
C GLY A 3 -5.82 6.87 17.18
N THR A 4 -5.21 7.96 16.74
CA THR A 4 -5.78 8.76 15.66
C THR A 4 -5.54 8.08 14.32
N ALA A 5 -6.32 8.48 13.33
CA ALA A 5 -6.15 8.00 11.97
C ALA A 5 -4.74 8.30 11.47
N GLN A 6 -4.23 9.49 11.79
CA GLN A 6 -2.89 9.88 11.38
C GLN A 6 -1.84 8.93 11.94
N GLU A 7 -1.97 8.58 13.22
CA GLU A 7 -1.07 7.62 13.87
C GLU A 7 -1.20 6.24 13.24
N PHE A 8 -2.43 5.80 13.02
CA PHE A 8 -2.67 4.49 12.43
C PHE A 8 -1.91 4.36 11.11
N VAL A 9 -2.01 5.39 10.27
CA VAL A 9 -1.41 5.38 8.95
C VAL A 9 0.11 5.59 9.00
N ASN A 10 0.53 6.67 9.66
CA ASN A 10 1.94 7.02 9.69
C ASN A 10 2.81 5.96 10.33
N CYS A 11 2.27 5.28 11.35
CA CYS A 11 3.00 4.18 12.00
C CYS A 11 3.35 3.06 11.03
N LYS A 12 2.48 2.82 10.05
CA LYS A 12 2.63 1.68 9.13
C LYS A 12 3.59 1.97 7.98
N ILE A 13 3.54 3.19 7.45
CA ILE A 13 4.38 3.61 6.33
C ILE A 13 5.83 3.75 6.78
N GLN A 14 6.73 3.05 6.08
CA GLN A 14 8.15 3.04 6.46
C GLN A 14 9.03 2.92 5.22
N PRO A 15 10.11 3.72 5.12
CA PRO A 15 11.05 3.50 4.03
C PRO A 15 11.47 2.04 3.97
N GLY A 16 11.60 1.53 2.76
CA GLY A 16 12.04 0.15 2.55
C GLY A 16 10.93 -0.89 2.57
N LYS A 17 9.71 -0.49 2.94
CA LYS A 17 8.62 -1.44 3.17
C LYS A 17 7.45 -1.12 2.26
N VAL A 18 6.83 -2.17 1.72
CA VAL A 18 5.63 -2.02 0.91
C VAL A 18 4.39 -2.18 1.79
N VAL A 19 3.56 -1.15 1.79
CA VAL A 19 2.36 -1.14 2.62
C VAL A 19 1.17 -0.79 1.75
N VAL A 20 0.14 -1.62 1.82
CA VAL A 20 -1.07 -1.35 1.05
C VAL A 20 -2.25 -1.28 1.99
N PHE A 21 -2.92 -0.15 2.00
CA PHE A 21 -4.13 0.01 2.77
C PHE A 21 -5.30 -0.54 1.97
N ILE A 22 -6.07 -1.44 2.60
CA ILE A 22 -7.13 -2.18 1.92
C ILE A 22 -8.40 -2.18 2.77
N LYS A 23 -9.49 -2.66 2.17
CA LYS A 23 -10.70 -2.95 2.91
C LYS A 23 -11.25 -4.27 2.41
N PRO A 24 -12.15 -4.89 3.19
CA PRO A 24 -12.83 -6.08 2.70
C PRO A 24 -13.76 -5.75 1.54
N THR A 25 -14.08 -6.77 0.76
CA THR A 25 -15.06 -6.64 -0.32
C THR A 25 -14.61 -5.58 -1.33
N CYS A 26 -13.35 -5.69 -1.75
CA CYS A 26 -12.68 -4.70 -2.59
C CYS A 26 -11.90 -5.44 -3.67
N PRO A 27 -12.49 -5.61 -4.87
CA PRO A 27 -11.81 -6.37 -5.92
C PRO A 27 -10.42 -5.83 -6.27
N TYR A 28 -10.30 -4.51 -6.35
CA TYR A 28 -9.01 -3.93 -6.69
C TYR A 28 -7.97 -4.12 -5.58
N CYS A 29 -8.42 -4.19 -4.33
CA CYS A 29 -7.50 -4.52 -3.23
C CYS A 29 -6.95 -5.93 -3.40
N ARG A 30 -7.81 -6.87 -3.79
CA ARG A 30 -7.39 -8.24 -3.99
C ARG A 30 -6.41 -8.35 -5.15
N ARG A 31 -6.64 -7.57 -6.21
CA ARG A 31 -5.69 -7.57 -7.33
C ARG A 31 -4.33 -7.00 -6.92
N ALA A 32 -4.34 -5.89 -6.19
CA ALA A 32 -3.09 -5.32 -5.69
C ALA A 32 -2.33 -6.34 -4.83
N GLN A 33 -3.09 -7.05 -3.99
CA GLN A 33 -2.51 -8.09 -3.16
C GLN A 33 -1.90 -9.20 -4.00
N GLU A 34 -2.60 -9.62 -5.05
CA GLU A 34 -2.09 -10.67 -5.93
C GLU A 34 -0.78 -10.26 -6.59
N ILE A 35 -0.74 -9.03 -7.10
CA ILE A 35 0.42 -8.53 -7.82
C ILE A 35 1.64 -8.54 -6.90
N LEU A 36 1.46 -8.02 -5.68
CA LEU A 36 2.58 -7.87 -4.77
C LEU A 36 2.97 -9.18 -4.11
N SER A 37 1.99 -10.05 -3.86
CA SER A 37 2.28 -11.34 -3.24
C SER A 37 3.04 -12.31 -4.15
N GLN A 38 2.99 -12.06 -5.46
CA GLN A 38 3.71 -12.88 -6.44
C GLN A 38 5.23 -12.72 -6.30
N LEU A 39 5.64 -11.56 -5.81
CA LEU A 39 7.02 -11.15 -5.88
C LEU A 39 7.83 -11.64 -4.70
N PRO A 40 9.14 -11.79 -4.91
CA PRO A 40 10.01 -12.25 -3.83
C PRO A 40 10.39 -11.11 -2.87
N ILE A 41 9.37 -10.44 -2.32
CA ILE A 41 9.60 -9.41 -1.31
C ILE A 41 9.87 -10.12 0.01
N LYS A 42 10.89 -9.66 0.73
CA LYS A 42 11.24 -10.24 2.02
C LYS A 42 10.05 -10.23 2.97
N GLN A 43 9.83 -11.36 3.65
CA GLN A 43 8.79 -11.44 4.67
C GLN A 43 9.02 -10.33 5.70
N GLY A 44 7.96 -9.62 6.05
CA GLY A 44 8.06 -8.47 6.94
C GLY A 44 8.09 -7.14 6.19
N LEU A 45 8.43 -7.18 4.90
CA LEU A 45 8.51 -5.95 4.10
C LEU A 45 7.33 -5.75 3.15
N LEU A 46 6.30 -6.56 3.33
CA LEU A 46 5.02 -6.40 2.64
C LEU A 46 3.92 -6.53 3.66
N GLU A 47 3.07 -5.51 3.76
CA GLU A 47 1.97 -5.51 4.71
C GLU A 47 0.69 -4.99 4.08
N PHE A 48 -0.39 -5.75 4.27
CA PHE A 48 -1.73 -5.33 3.86
C PHE A 48 -2.50 -4.91 5.10
N VAL A 49 -2.97 -3.68 5.11
CA VAL A 49 -3.56 -3.07 6.28
C VAL A 49 -5.06 -2.86 6.09
N ASP A 50 -5.87 -3.60 6.85
CA ASP A 50 -7.33 -3.50 6.79
C ASP A 50 -7.76 -2.23 7.53
N ILE A 51 -8.19 -1.23 6.78
CA ILE A 51 -8.55 0.06 7.37
C ILE A 51 -9.91 0.08 8.09
N THR A 52 -10.60 -1.05 8.07
CA THR A 52 -11.91 -1.15 8.70
C THR A 52 -11.85 -1.83 10.07
N ALA A 53 -10.72 -2.45 10.38
CA ALA A 53 -10.65 -3.36 11.53
C ALA A 53 -10.81 -2.69 12.90
N THR A 54 -10.57 -1.38 12.97
CA THR A 54 -10.75 -0.64 14.23
C THR A 54 -12.02 0.25 14.24
N ASN A 55 -12.89 0.04 13.26
CA ASN A 55 -14.16 0.78 13.15
C ASN A 55 -13.97 2.30 13.01
N HIS A 56 -12.91 2.68 12.29
CA HIS A 56 -12.62 4.09 12.00
C HIS A 56 -12.28 4.28 10.52
N THR A 57 -12.99 3.55 9.67
CA THR A 57 -12.76 3.55 8.23
C THR A 57 -12.72 4.96 7.63
N ASN A 58 -13.75 5.75 7.91
CA ASN A 58 -13.85 7.08 7.29
C ASN A 58 -12.70 8.00 7.67
N GLU A 59 -12.34 7.99 8.95
CA GLU A 59 -11.26 8.83 9.44
C GLU A 59 -9.93 8.45 8.79
N ILE A 60 -9.70 7.15 8.64
CA ILE A 60 -8.48 6.68 7.99
C ILE A 60 -8.47 7.09 6.51
N GLN A 61 -9.59 6.95 5.82
CA GLN A 61 -9.66 7.39 4.42
C GLN A 61 -9.47 8.91 4.31
N ASP A 62 -10.03 9.65 5.27
CA ASP A 62 -9.85 11.11 5.29
C ASP A 62 -8.37 11.46 5.38
N TYR A 63 -7.63 10.75 6.23
CA TYR A 63 -6.22 11.03 6.34
C TYR A 63 -5.44 10.59 5.10
N LEU A 64 -5.80 9.45 4.54
CA LEU A 64 -5.16 9.03 3.28
C LEU A 64 -5.36 10.08 2.20
N GLN A 65 -6.54 10.69 2.17
CA GLN A 65 -6.83 11.78 1.24
C GLN A 65 -5.90 12.98 1.49
N GLN A 66 -5.74 13.36 2.74
CA GLN A 66 -4.84 14.45 3.12
C GLN A 66 -3.40 14.15 2.71
N LEU A 67 -2.97 12.91 2.98
CA LEU A 67 -1.59 12.52 2.75
C LEU A 67 -1.26 12.32 1.28
N THR A 68 -2.21 11.77 0.51
CA THR A 68 -1.91 11.31 -0.85
C THR A 68 -2.70 11.96 -1.97
N GLY A 69 -3.78 12.68 -1.63
CA GLY A 69 -4.64 13.28 -2.64
C GLY A 69 -5.84 12.44 -3.02
N ALA A 70 -5.91 11.20 -2.56
CA ALA A 70 -7.07 10.33 -2.81
C ALA A 70 -7.43 9.50 -1.58
N ARG A 71 -8.71 9.22 -1.42
CA ARG A 71 -9.19 8.51 -0.21
C ARG A 71 -9.46 7.03 -0.45
N THR A 72 -9.38 6.60 -1.71
CA THR A 72 -9.78 5.25 -2.10
C THR A 72 -8.73 4.20 -1.74
N VAL A 73 -9.20 2.99 -1.49
CA VAL A 73 -8.31 1.85 -1.39
C VAL A 73 -8.49 0.97 -2.63
N PRO A 74 -7.44 0.24 -3.03
CA PRO A 74 -6.16 0.14 -2.33
C PRO A 74 -5.35 1.44 -2.43
N ARG A 75 -4.59 1.74 -1.38
CA ARG A 75 -3.68 2.88 -1.38
C ARG A 75 -2.31 2.27 -1.15
N VAL A 76 -1.49 2.28 -2.20
CA VAL A 76 -0.26 1.52 -2.26
C VAL A 76 0.93 2.43 -1.98
N PHE A 77 1.77 2.03 -1.02
CA PHE A 77 3.00 2.73 -0.69
C PHE A 77 4.20 1.83 -0.89
N ILE A 78 5.22 2.35 -1.56
CA ILE A 78 6.53 1.71 -1.58
C ILE A 78 7.45 2.64 -0.79
N GLY A 79 7.81 2.20 0.42
CA GLY A 79 8.36 3.11 1.40
C GLY A 79 7.40 4.26 1.61
N LYS A 80 7.91 5.49 1.64
CA LYS A 80 7.06 6.67 1.78
C LYS A 80 6.43 7.12 0.45
N ASP A 81 6.82 6.51 -0.67
CA ASP A 81 6.24 6.88 -1.95
C ASP A 81 4.82 6.37 -2.06
N CYS A 82 3.89 7.26 -2.36
CA CYS A 82 2.54 6.79 -2.69
C CYS A 82 2.49 6.46 -4.17
N ILE A 83 2.33 5.17 -4.46
CA ILE A 83 2.17 4.67 -5.83
C ILE A 83 0.79 5.08 -6.36
N GLY A 84 -0.21 5.02 -5.48
CA GLY A 84 -1.58 5.32 -5.86
C GLY A 84 -2.43 4.09 -5.67
N GLY A 85 -3.26 3.81 -6.66
CA GLY A 85 -4.18 2.69 -6.57
C GLY A 85 -3.75 1.54 -7.44
N CYS A 86 -4.72 0.67 -7.74
CA CYS A 86 -4.44 -0.57 -8.43
C CYS A 86 -3.91 -0.33 -9.85
N SER A 87 -4.53 0.57 -10.60
CA SER A 87 -4.08 0.82 -11.98
C SER A 87 -2.64 1.34 -11.98
N ASP A 88 -2.33 2.23 -11.03
CA ASP A 88 -0.98 2.73 -10.89
C ASP A 88 0.02 1.60 -10.66
N LEU A 89 -0.33 0.70 -9.75
CA LEU A 89 0.50 -0.44 -9.46
C LEU A 89 0.68 -1.36 -10.68
N VAL A 90 -0.41 -1.59 -11.40
CA VAL A 90 -0.38 -2.40 -12.61
C VAL A 90 0.59 -1.80 -13.64
N SER A 91 0.52 -0.49 -13.83
CA SER A 91 1.42 0.18 -14.77
C SER A 91 2.88 -0.07 -14.41
N LEU A 92 3.21 0.08 -13.12
CA LEU A 92 4.57 -0.17 -12.66
C LEU A 92 5.00 -1.63 -12.81
N GLN A 93 4.09 -2.56 -12.52
CA GLN A 93 4.40 -3.96 -12.66
C GLN A 93 4.73 -4.27 -14.11
N GLN A 94 3.88 -3.80 -15.02
CA GLN A 94 4.01 -4.13 -16.43
C GLN A 94 5.28 -3.58 -17.04
N SER A 95 5.64 -2.35 -16.69
CA SER A 95 6.79 -1.66 -17.29
C SER A 95 8.13 -2.14 -16.73
N GLY A 96 8.09 -2.87 -15.62
CA GLY A 96 9.30 -3.30 -14.92
C GLY A 96 9.78 -2.34 -13.85
N GLU A 97 9.13 -1.18 -13.76
CA GLU A 97 9.49 -0.15 -12.79
C GLU A 97 9.25 -0.61 -11.35
N LEU A 98 8.23 -1.44 -11.13
CA LEU A 98 7.97 -1.99 -9.81
C LEU A 98 9.20 -2.78 -9.31
N LEU A 99 9.70 -3.68 -10.14
CA LEU A 99 10.83 -4.51 -9.76
C LEU A 99 12.08 -3.67 -9.53
N THR A 100 12.35 -2.70 -10.41
CA THR A 100 13.49 -1.82 -10.24
C THR A 100 13.43 -1.04 -8.93
N ARG A 101 12.23 -0.54 -8.59
CA ARG A 101 12.06 0.21 -7.35
C ARG A 101 12.26 -0.68 -6.13
N LEU A 102 11.77 -1.91 -6.18
CA LEU A 102 11.97 -2.84 -5.08
C LEU A 102 13.44 -3.22 -4.89
N LYS A 103 14.18 -3.36 -5.99
CA LYS A 103 15.62 -3.62 -5.92
C LYS A 103 16.34 -2.42 -5.29
N GLN A 104 15.99 -1.20 -5.71
CA GLN A 104 16.66 -0.01 -5.21
C GLN A 104 16.49 0.15 -3.69
N ILE A 105 15.29 -0.16 -3.18
CA ILE A 105 15.04 0.05 -1.77
C ILE A 105 15.41 -1.15 -0.90
N GLY A 106 15.88 -2.23 -1.53
CA GLY A 106 16.39 -3.39 -0.80
C GLY A 106 15.33 -4.31 -0.21
N ALA A 107 14.13 -4.29 -0.78
CA ALA A 107 12.98 -5.04 -0.24
C ALA A 107 12.90 -6.51 -0.66
N LEU A 108 13.76 -6.94 -1.58
CA LEU A 108 13.65 -8.33 -2.06
C LEU A 108 14.34 -9.31 -1.12
N GLN A 109 13.84 -10.55 -1.11
CA GLN A 109 14.15 -11.54 -0.07
C GLN A 109 15.62 -11.89 0.01
#